data_1BWC
#
_entry.id   1BWC
#
_cell.length_a   64.300
_cell.length_b   146.900
_cell.length_c   128.800
_cell.angle_alpha   90.00
_cell.angle_beta   90.00
_cell.angle_gamma   90.00
#
_symmetry.space_group_name_H-M   'C 2 2 21'
#
loop_
_entity.id
_entity.type
_entity.pdbx_description
1 polymer 'PROTEIN (GLUTATHIONE REDUCTASE)'
2 non-polymer 'CHLORIDE ION'
3 non-polymer 'FLAVIN-ADENINE DINUCLEOTIDE'
4 non-polymer 3-(PROP-2-ENE-1-SULFINYL)-PROPENE-1-THIOL
5 water water
#
_entity_poly.entity_id   1
_entity_poly.type   'polypeptide(L)'
_entity_poly.pdbx_seq_one_letter_code
;ACRQEPQPQGPPPAAGAVASYDYLVIGGGSGGLASARRAAELGARAAVVESHKLGGTCVNVGCVPKKVMWNTAVHSEFMH
DHADYGFPSCEGKFNWRVIKEKRDAYVSRLNAIYQNNLTKSHIEIIRGHAAFTSDPKPTIEVSGKKYTAPHILIATGGMP
STPHESQIPGASLGITSDGFFQLEELPGRSVIVGAGYIAVEMAGILSALGSKTSLMIRHDKVLRSFDSMISTNCTEELEN
AGVEVLKFSQVKEVKKTLSGLEVSMVTAVPGRLPVMTMIPDVDCLLWAIGRVPNTKDLSLNKLGIQTDDKGHIIVDEFQN
TNVKGIYAVGDVCGKALLTPVAIAAGRKLAHRLFEYKEDSKLDYNNIPTVVFSHPPIGTVGLTEDEAIHKYGIENVKTYS
TSFTPMYHAVTKRKTKCVMKMVCANKEEKVVGIHMQGLGCDEMLQGFAVAVKMGATKADFDNTVAIHPTSSEELVTLR
;
_entity_poly.pdbx_strand_id   A
#
# COMPACT_ATOMS: atom_id res chain seq x y z
N VAL A 18 -17.65 -34.70 2.01
CA VAL A 18 -16.47 -33.89 1.58
C VAL A 18 -16.53 -33.51 0.10
N ALA A 19 -16.74 -32.22 -0.21
CA ALA A 19 -16.91 -31.79 -1.60
C ALA A 19 -15.57 -31.52 -2.28
N SER A 20 -15.48 -31.83 -3.58
CA SER A 20 -14.20 -31.83 -4.30
C SER A 20 -14.17 -30.84 -5.46
N TYR A 21 -13.04 -30.16 -5.63
CA TYR A 21 -12.84 -29.20 -6.72
C TYR A 21 -11.48 -29.47 -7.37
N ASP A 22 -11.23 -28.89 -8.54
CA ASP A 22 -9.87 -28.80 -9.10
C ASP A 22 -9.00 -27.79 -8.35
N TYR A 23 -9.62 -26.73 -7.83
CA TYR A 23 -8.89 -25.59 -7.30
C TYR A 23 -9.72 -24.98 -6.20
N LEU A 24 -9.18 -25.04 -4.99
CA LEU A 24 -9.78 -24.38 -3.84
C LEU A 24 -8.92 -23.17 -3.48
N VAL A 25 -9.55 -22.00 -3.38
CA VAL A 25 -8.85 -20.77 -3.08
C VAL A 25 -9.35 -20.23 -1.75
N ILE A 26 -8.43 -20.05 -0.80
CA ILE A 26 -8.78 -19.44 0.47
C ILE A 26 -8.50 -17.95 0.49
N GLY A 27 -9.57 -17.16 0.48
CA GLY A 27 -9.46 -15.72 0.42
C GLY A 27 -9.89 -15.17 -0.92
N GLY A 28 -10.94 -14.36 -0.89
CA GLY A 28 -11.41 -13.73 -2.11
C GLY A 28 -11.01 -12.29 -2.24
N GLY A 29 -9.75 -11.97 -1.95
CA GLY A 29 -9.20 -10.68 -2.26
C GLY A 29 -8.44 -10.64 -3.58
N SER A 30 -7.44 -9.77 -3.69
CA SER A 30 -6.81 -9.48 -4.97
C SER A 30 -6.19 -10.72 -5.61
N GLY A 31 -5.35 -11.41 -4.85
CA GLY A 31 -4.66 -12.59 -5.35
C GLY A 31 -5.59 -13.76 -5.57
N GLY A 32 -6.53 -13.95 -4.65
CA GLY A 32 -7.42 -15.10 -4.70
C GLY A 32 -8.35 -15.03 -5.90
N LEU A 33 -9.02 -13.90 -6.07
CA LEU A 33 -9.93 -13.71 -7.19
C LEU A 33 -9.21 -13.76 -8.53
N ALA A 34 -8.03 -13.17 -8.59
CA ALA A 34 -7.24 -13.19 -9.83
C ALA A 34 -6.96 -14.62 -10.26
N SER A 35 -6.69 -15.49 -9.29
CA SER A 35 -6.18 -16.82 -9.59
C SER A 35 -7.32 -17.79 -9.86
N ALA A 36 -8.37 -17.70 -9.04
CA ALA A 36 -9.64 -18.36 -9.31
C ALA A 36 -10.16 -18.12 -10.73
N ARG A 37 -10.16 -16.86 -11.16
CA ARG A 37 -10.70 -16.47 -12.47
C ARG A 37 -9.91 -17.06 -13.63
N ARG A 38 -8.59 -16.91 -13.60
CA ARG A 38 -7.71 -17.41 -14.64
C ARG A 38 -7.83 -18.93 -14.73
N ALA A 39 -7.84 -19.60 -13.59
CA ALA A 39 -7.98 -21.05 -13.56
C ALA A 39 -9.31 -21.51 -14.18
N ALA A 40 -10.39 -20.78 -13.90
CA ALA A 40 -11.68 -21.06 -14.52
C ALA A 40 -11.61 -20.92 -16.04
N GLU A 41 -11.08 -19.80 -16.50
CA GLU A 41 -10.74 -19.61 -17.92
C GLU A 41 -10.02 -20.80 -18.55
N LEU A 42 -9.05 -21.34 -17.81
CA LEU A 42 -8.24 -22.46 -18.29
C LEU A 42 -8.95 -23.80 -18.08
N GLY A 43 -10.14 -23.75 -17.48
CA GLY A 43 -11.03 -24.90 -17.56
C GLY A 43 -11.07 -25.71 -16.27
N ALA A 44 -10.54 -25.14 -15.18
CA ALA A 44 -10.63 -25.77 -13.87
C ALA A 44 -11.96 -25.49 -13.18
N ARG A 45 -12.32 -26.38 -12.25
CA ARG A 45 -13.49 -26.22 -11.43
C ARG A 45 -13.04 -25.64 -10.10
N ALA A 46 -13.37 -24.37 -9.88
CA ALA A 46 -12.73 -23.60 -8.82
C ALA A 46 -13.76 -23.17 -7.79
N ALA A 47 -13.34 -23.07 -6.53
CA ALA A 47 -14.13 -22.46 -5.48
C ALA A 47 -13.30 -21.44 -4.72
N VAL A 48 -13.94 -20.35 -4.31
CA VAL A 48 -13.33 -19.34 -3.47
C VAL A 48 -14.02 -19.31 -2.13
N VAL A 49 -13.24 -19.41 -1.06
CA VAL A 49 -13.73 -19.25 0.30
C VAL A 49 -13.50 -17.83 0.77
N GLU A 50 -14.54 -17.16 1.24
CA GLU A 50 -14.41 -15.80 1.73
C GLU A 50 -15.23 -15.57 3.00
N SER A 51 -14.58 -15.06 4.05
CA SER A 51 -15.21 -14.91 5.36
C SER A 51 -15.86 -13.54 5.55
N HIS A 52 -15.51 -12.58 4.70
CA HIS A 52 -16.04 -11.23 4.82
C HIS A 52 -16.62 -10.79 3.49
N LYS A 53 -16.00 -9.80 2.83
CA LYS A 53 -16.50 -9.36 1.53
C LYS A 53 -15.53 -9.62 0.40
N LEU A 54 -16.06 -9.94 -0.77
CA LEU A 54 -15.26 -10.12 -1.96
C LEU A 54 -14.54 -8.85 -2.41
N GLY A 55 -13.33 -9.05 -2.93
CA GLY A 55 -12.47 -7.92 -3.24
C GLY A 55 -11.41 -7.63 -2.19
N GLY A 56 -11.63 -8.14 -0.98
CA GLY A 56 -10.59 -8.14 0.03
C GLY A 56 -10.15 -6.75 0.46
N THR A 57 -8.84 -6.57 0.63
CA THR A 57 -8.30 -5.34 1.20
C THR A 57 -8.32 -4.18 0.21
N CYS A 58 -7.94 -4.44 -1.04
CA CYS A 58 -7.94 -3.40 -2.04
C CYS A 58 -9.32 -2.76 -2.21
N VAL A 59 -10.37 -3.57 -2.31
CA VAL A 59 -11.74 -3.07 -2.48
C VAL A 59 -12.33 -2.44 -1.23
N ASN A 60 -12.14 -3.07 -0.07
CA ASN A 60 -12.95 -2.75 1.08
C ASN A 60 -12.33 -1.75 2.05
N VAL A 61 -11.04 -1.91 2.34
CA VAL A 61 -10.40 -1.13 3.40
C VAL A 61 -9.04 -0.62 2.95
N GLY A 62 -8.92 -0.36 1.66
CA GLY A 62 -7.60 -0.26 1.06
C GLY A 62 -7.67 0.64 -0.13
N CYS A 63 -7.18 0.13 -1.25
CA CYS A 63 -6.69 1.00 -2.29
C CYS A 63 -7.85 1.80 -2.90
N VAL A 64 -9.02 1.18 -3.00
CA VAL A 64 -10.17 1.83 -3.61
C VAL A 64 -10.80 2.94 -2.76
N PRO A 65 -11.18 2.66 -1.49
CA PRO A 65 -11.62 3.77 -0.61
C PRO A 65 -10.54 4.83 -0.38
N LYS A 66 -9.29 4.39 -0.26
CA LYS A 66 -8.15 5.30 -0.14
C LYS A 66 -8.10 6.29 -1.29
N LYS A 67 -8.22 5.80 -2.51
CA LYS A 67 -8.10 6.65 -3.69
C LYS A 67 -9.23 7.66 -3.75
N VAL A 68 -10.43 7.24 -3.39
CA VAL A 68 -11.57 8.16 -3.37
C VAL A 68 -11.32 9.30 -2.38
N MET A 69 -10.74 8.99 -1.23
CA MET A 69 -10.42 9.99 -0.22
C MET A 69 -9.24 10.89 -0.62
N TRP A 70 -8.29 10.31 -1.36
CA TRP A 70 -7.19 11.09 -1.92
C TRP A 70 -7.67 12.09 -2.98
N ASN A 71 -8.49 11.62 -3.91
CA ASN A 71 -9.23 12.50 -4.84
C ASN A 71 -9.96 13.64 -4.14
N THR A 72 -10.61 13.32 -3.02
CA THR A 72 -11.30 14.33 -2.22
C THR A 72 -10.30 15.33 -1.66
N ALA A 73 -9.20 14.83 -1.11
CA ALA A 73 -8.17 15.67 -0.53
C ALA A 73 -7.54 16.63 -1.54
N VAL A 74 -7.33 16.19 -2.78
CA VAL A 74 -6.81 17.10 -3.80
C VAL A 74 -7.84 18.13 -4.28
N HIS A 75 -9.12 17.80 -4.19
CA HIS A 75 -10.17 18.83 -4.26
C HIS A 75 -10.00 19.90 -3.21
N SER A 76 -9.53 19.51 -2.03
CA SER A 76 -9.34 20.48 -0.96
C SER A 76 -8.21 21.45 -1.31
N GLU A 77 -7.13 20.90 -1.87
CA GLU A 77 -5.96 21.71 -2.24
C GLU A 77 -6.25 22.64 -3.39
N PHE A 78 -7.14 22.23 -4.28
CA PHE A 78 -7.49 23.07 -5.42
C PHE A 78 -8.52 24.15 -5.04
N MET A 79 -9.40 23.86 -4.08
CA MET A 79 -10.13 24.93 -3.39
C MET A 79 -9.23 26.08 -2.92
N HIS A 80 -8.08 25.76 -2.33
CA HIS A 80 -7.15 26.80 -1.85
C HIS A 80 -6.66 27.69 -2.98
N ASP A 81 -6.33 27.08 -4.12
CA ASP A 81 -5.69 27.81 -5.22
C ASP A 81 -6.68 28.62 -6.03
N HIS A 82 -7.95 28.52 -5.65
CA HIS A 82 -9.05 29.02 -6.47
C HIS A 82 -8.94 30.52 -6.78
N ALA A 83 -8.93 31.34 -5.74
CA ALA A 83 -8.78 32.78 -5.88
C ALA A 83 -7.55 33.19 -6.70
N ASP A 84 -6.47 32.44 -6.59
CA ASP A 84 -5.28 32.69 -7.39
C ASP A 84 -5.54 32.55 -8.88
N TYR A 85 -6.48 31.69 -9.23
CA TYR A 85 -6.75 31.42 -10.64
C TYR A 85 -7.88 32.30 -11.18
N GLY A 86 -8.23 33.33 -10.42
CA GLY A 86 -9.13 34.35 -10.93
C GLY A 86 -10.58 34.09 -10.56
N PHE A 87 -10.77 33.25 -9.55
CA PHE A 87 -12.09 32.75 -9.21
C PHE A 87 -12.48 33.26 -7.83
N PRO A 88 -13.79 33.29 -7.54
CA PRO A 88 -14.27 33.71 -6.22
C PRO A 88 -13.59 32.98 -5.06
N SER A 89 -12.99 33.78 -4.18
CA SER A 89 -12.41 33.30 -2.90
C SER A 89 -13.38 32.39 -2.14
N CYS A 90 -13.08 31.10 -2.13
CA CYS A 90 -14.07 30.07 -1.81
C CYS A 90 -13.43 29.02 -0.87
N GLU A 91 -14.25 28.46 0.02
CA GLU A 91 -14.68 29.16 1.24
C GLU A 91 -14.38 28.37 2.54
N GLY A 92 -14.70 27.07 2.53
CA GLY A 92 -14.83 26.31 3.77
C GLY A 92 -15.38 24.89 3.59
N LYS A 93 -16.57 24.62 4.17
CA LYS A 93 -16.74 23.54 5.14
C LYS A 93 -16.98 22.16 4.49
N PHE A 94 -16.06 21.23 4.76
CA PHE A 94 -16.13 19.87 4.23
C PHE A 94 -17.18 19.04 4.96
N ASN A 95 -18.03 18.36 4.21
CA ASN A 95 -19.00 17.42 4.77
C ASN A 95 -18.53 16.00 4.54
N TRP A 96 -17.96 15.42 5.58
CA TRP A 96 -17.43 14.05 5.54
C TRP A 96 -18.54 13.01 5.26
N ARG A 97 -19.68 13.18 5.92
CA ARG A 97 -20.82 12.29 5.73
C ARG A 97 -21.14 12.00 4.25
N VAL A 98 -21.06 13.02 3.43
CA VAL A 98 -21.58 12.96 2.06
C VAL A 98 -20.70 12.07 1.18
N ILE A 99 -19.38 12.28 1.27
CA ILE A 99 -18.45 11.49 0.49
C ILE A 99 -18.32 10.08 1.08
N LYS A 100 -18.47 9.97 2.40
CA LYS A 100 -18.46 8.67 3.05
C LYS A 100 -19.58 7.78 2.53
N GLU A 101 -20.77 8.33 2.36
CA GLU A 101 -21.90 7.59 1.80
C GLU A 101 -21.64 7.13 0.36
N LYS A 102 -21.09 8.03 -0.44
CA LYS A 102 -20.84 7.75 -1.85
C LYS A 102 -19.78 6.66 -1.96
N ARG A 103 -18.78 6.76 -1.09
CA ARG A 103 -17.65 5.83 -1.08
C ARG A 103 -18.09 4.42 -0.69
N ASP A 104 -18.89 4.32 0.36
CA ASP A 104 -19.54 3.07 0.76
C ASP A 104 -20.31 2.42 -0.38
N ALA A 105 -21.05 3.23 -1.12
CA ALA A 105 -21.99 2.71 -2.10
C ALA A 105 -21.23 2.21 -3.32
N TYR A 106 -20.11 2.86 -3.61
CA TYR A 106 -19.22 2.44 -4.67
C TYR A 106 -18.49 1.13 -4.32
N VAL A 107 -18.11 0.98 -3.05
CA VAL A 107 -17.49 -0.27 -2.59
C VAL A 107 -18.49 -1.44 -2.69
N SER A 108 -19.69 -1.24 -2.16
CA SER A 108 -20.77 -2.24 -2.25
C SER A 108 -21.07 -2.63 -3.69
N ARG A 109 -21.08 -1.65 -4.58
CA ARG A 109 -21.18 -1.87 -6.02
C ARG A 109 -20.14 -2.87 -6.52
N LEU A 110 -18.89 -2.65 -6.15
CA LEU A 110 -17.81 -3.55 -6.52
C LEU A 110 -17.94 -4.95 -5.92
N ASN A 111 -18.44 -5.05 -4.69
CA ASN A 111 -18.70 -6.35 -4.05
C ASN A 111 -19.60 -7.21 -4.95
N ALA A 112 -20.67 -6.58 -5.43
CA ALA A 112 -21.69 -7.24 -6.24
C ALA A 112 -21.14 -7.58 -7.63
N ILE A 113 -20.37 -6.67 -8.21
CA ILE A 113 -19.66 -6.95 -9.47
C ILE A 113 -18.81 -8.20 -9.38
N TYR A 114 -18.13 -8.38 -8.25
CA TYR A 114 -17.27 -9.54 -8.06
C TYR A 114 -18.03 -10.84 -7.87
N GLN A 115 -19.01 -10.84 -6.97
CA GLN A 115 -19.89 -12.00 -6.76
C GLN A 115 -20.50 -12.44 -8.09
N ASN A 116 -20.90 -11.46 -8.90
CA ASN A 116 -21.58 -11.73 -10.15
C ASN A 116 -20.66 -12.26 -11.25
N ASN A 117 -19.43 -11.77 -11.29
CA ASN A 117 -18.44 -12.28 -12.23
C ASN A 117 -17.94 -13.69 -11.89
N LEU A 118 -17.71 -13.94 -10.61
CA LEU A 118 -17.46 -15.28 -10.12
C LEU A 118 -18.57 -16.27 -10.53
N THR A 119 -19.81 -15.85 -10.34
CA THR A 119 -20.96 -16.72 -10.61
C THR A 119 -21.12 -17.00 -12.10
N LYS A 120 -20.97 -15.95 -12.91
CA LYS A 120 -20.99 -16.08 -14.36
C LYS A 120 -19.95 -17.08 -14.86
N SER A 121 -18.81 -17.14 -14.18
CA SER A 121 -17.72 -18.04 -14.54
C SER A 121 -17.88 -19.39 -13.87
N HIS A 122 -19.02 -19.60 -13.20
CA HIS A 122 -19.27 -20.84 -12.47
C HIS A 122 -18.14 -21.21 -11.51
N ILE A 123 -17.55 -20.19 -10.89
CA ILE A 123 -16.72 -20.37 -9.71
C ILE A 123 -17.61 -20.33 -8.48
N GLU A 124 -17.58 -21.41 -7.71
CA GLU A 124 -18.40 -21.51 -6.51
C GLU A 124 -17.84 -20.60 -5.43
N ILE A 125 -18.73 -19.86 -4.76
CA ILE A 125 -18.37 -19.10 -3.57
C ILE A 125 -18.79 -19.87 -2.32
N ILE A 126 -17.82 -20.10 -1.44
CA ILE A 126 -18.08 -20.69 -0.14
C ILE A 126 -17.92 -19.60 0.93
N ARG A 127 -18.96 -19.38 1.71
CA ARG A 127 -18.99 -18.26 2.65
C ARG A 127 -18.63 -18.70 4.07
N GLY A 128 -17.58 -18.11 4.62
CA GLY A 128 -17.14 -18.45 5.96
C GLY A 128 -15.64 -18.56 6.14
N HIS A 129 -15.21 -18.95 7.34
CA HIS A 129 -13.79 -19.03 7.70
C HIS A 129 -13.23 -20.44 7.49
N ALA A 130 -12.34 -20.59 6.50
CA ALA A 130 -11.59 -21.82 6.32
C ALA A 130 -10.58 -22.01 7.45
N ALA A 131 -10.50 -23.24 7.97
CA ALA A 131 -9.25 -23.76 8.50
C ALA A 131 -8.94 -25.13 7.93
N PHE A 132 -7.65 -25.47 7.88
CA PHE A 132 -7.23 -26.82 7.56
C PHE A 132 -7.56 -27.83 8.67
N THR A 133 -7.88 -29.06 8.26
CA THR A 133 -8.15 -30.14 9.19
C THR A 133 -6.92 -31.05 9.36
N SER A 134 -7.10 -32.08 10.19
CA SER A 134 -6.00 -33.02 10.48
C SER A 134 -6.12 -34.26 9.61
N ASP A 135 -7.06 -34.24 8.65
CA ASP A 135 -7.08 -35.22 7.58
C ASP A 135 -5.74 -35.30 6.85
N PRO A 136 -5.44 -36.46 6.25
CA PRO A 136 -4.10 -36.72 5.67
C PRO A 136 -3.94 -36.16 4.25
N LYS A 137 -4.93 -36.42 3.40
CA LYS A 137 -5.27 -35.53 2.28
C LYS A 137 -5.43 -34.10 2.79
N PRO A 138 -4.86 -33.11 2.07
CA PRO A 138 -5.12 -31.69 2.35
C PRO A 138 -6.56 -31.28 2.07
N THR A 139 -7.20 -30.77 3.12
CA THR A 139 -8.64 -30.68 3.23
C THR A 139 -8.89 -29.52 4.18
N ILE A 140 -9.81 -28.63 3.83
CA ILE A 140 -10.25 -27.58 4.75
C ILE A 140 -11.68 -27.84 5.21
N GLU A 141 -12.12 -27.10 6.22
CA GLU A 141 -13.51 -27.09 6.60
C GLU A 141 -14.01 -25.69 6.91
N VAL A 142 -15.25 -25.42 6.49
CA VAL A 142 -15.90 -24.13 6.67
C VAL A 142 -17.31 -24.40 7.22
N SER A 143 -17.65 -23.78 8.35
CA SER A 143 -18.91 -24.03 9.10
C SER A 143 -19.31 -25.50 9.16
N GLY A 144 -18.59 -26.29 9.97
CA GLY A 144 -17.78 -27.39 9.46
C GLY A 144 -18.47 -28.34 8.49
N LYS A 145 -18.62 -27.92 7.24
CA LYS A 145 -18.45 -28.81 6.10
C LYS A 145 -16.99 -28.92 5.65
N LYS A 146 -16.58 -30.11 5.19
CA LYS A 146 -15.25 -30.29 4.62
C LYS A 146 -15.17 -30.08 3.11
N TYR A 147 -14.01 -29.66 2.64
CA TYR A 147 -13.78 -29.38 1.21
C TYR A 147 -12.35 -29.79 0.88
N THR A 148 -12.10 -30.25 -0.34
CA THR A 148 -10.73 -30.52 -0.75
C THR A 148 -10.53 -30.25 -2.23
N ALA A 149 -9.28 -30.04 -2.62
CA ALA A 149 -8.87 -30.08 -4.01
C ALA A 149 -7.45 -30.63 -4.08
N PRO A 150 -7.03 -31.10 -5.27
CA PRO A 150 -5.61 -31.32 -5.58
C PRO A 150 -4.73 -30.08 -5.38
N HIS A 151 -5.33 -28.89 -5.53
CA HIS A 151 -4.58 -27.64 -5.55
C HIS A 151 -5.28 -26.64 -4.66
N ILE A 152 -4.61 -26.23 -3.59
CA ILE A 152 -5.17 -25.25 -2.67
C ILE A 152 -4.29 -24.00 -2.62
N LEU A 153 -4.89 -22.86 -2.94
CA LEU A 153 -4.21 -21.57 -2.83
C LEU A 153 -4.58 -20.87 -1.53
N ILE A 154 -3.58 -20.58 -0.71
CA ILE A 154 -3.76 -19.75 0.45
C ILE A 154 -3.52 -18.28 0.09
N ALA A 155 -4.56 -17.46 0.19
CA ALA A 155 -4.49 -16.07 -0.22
C ALA A 155 -5.23 -15.18 0.77
N THR A 156 -4.88 -15.31 2.03
CA THR A 156 -5.68 -14.79 3.14
C THR A 156 -5.28 -13.36 3.55
N GLY A 157 -4.26 -12.82 2.90
CA GLY A 157 -3.90 -11.42 3.10
C GLY A 157 -3.31 -11.10 4.46
N GLY A 158 -3.40 -9.85 4.87
CA GLY A 158 -2.90 -9.43 6.16
C GLY A 158 -3.92 -8.58 6.89
N MET A 159 -3.52 -8.05 8.05
CA MET A 159 -4.34 -7.10 8.77
C MET A 159 -3.41 -6.12 9.47
N PRO A 160 -3.93 -4.99 9.97
CA PRO A 160 -3.05 -4.03 10.64
C PRO A 160 -2.59 -4.61 11.98
N SER A 161 -1.33 -4.36 12.35
CA SER A 161 -0.90 -4.62 13.72
C SER A 161 -1.20 -3.45 14.64
N THR A 162 -1.57 -3.77 15.88
CA THR A 162 -1.67 -2.76 16.94
C THR A 162 -0.86 -3.22 18.15
N PRO A 163 -0.28 -2.27 18.90
CA PRO A 163 0.43 -2.56 20.15
C PRO A 163 -0.44 -3.34 21.14
N HIS A 164 0.19 -4.16 21.97
CA HIS A 164 -0.48 -4.78 23.11
C HIS A 164 -0.63 -3.76 24.25
N GLU A 165 -1.68 -3.91 25.04
CA GLU A 165 -1.84 -3.12 26.25
C GLU A 165 -0.66 -3.30 27.21
N SER A 166 0.01 -4.46 27.15
CA SER A 166 1.16 -4.68 28.03
C SER A 166 2.38 -3.82 27.69
N GLN A 167 2.55 -3.43 26.43
CA GLN A 167 3.61 -2.49 26.06
C GLN A 167 3.21 -1.02 26.22
N ILE A 168 1.98 -0.69 25.80
CA ILE A 168 1.48 0.68 25.82
C ILE A 168 0.06 0.66 26.36
N PRO A 169 -0.12 1.02 27.65
CA PRO A 169 -1.47 1.10 28.24
C PRO A 169 -2.36 2.05 27.47
N GLY A 170 -3.56 1.59 27.12
CA GLY A 170 -4.48 2.40 26.34
C GLY A 170 -4.39 2.24 24.83
N ALA A 171 -3.49 1.38 24.36
CA ALA A 171 -3.27 1.23 22.92
C ALA A 171 -4.57 0.93 22.15
N SER A 172 -5.47 0.16 22.78
CA SER A 172 -6.70 -0.23 22.11
C SER A 172 -7.73 0.89 22.02
N LEU A 173 -7.40 2.06 22.56
CA LEU A 173 -8.19 3.26 22.27
C LEU A 173 -7.92 3.83 20.88
N GLY A 174 -6.72 3.60 20.34
CA GLY A 174 -6.45 3.92 18.95
C GLY A 174 -7.21 3.08 17.95
N ILE A 175 -7.38 3.62 16.75
CA ILE A 175 -7.89 2.85 15.61
C ILE A 175 -6.78 2.46 14.62
N THR A 176 -7.13 1.65 13.62
CA THR A 176 -6.22 1.37 12.54
C THR A 176 -6.78 1.92 11.23
N SER A 177 -6.07 1.67 10.13
CA SER A 177 -6.53 2.09 8.82
C SER A 177 -7.91 1.52 8.50
N ASP A 178 -8.16 0.29 8.95
CA ASP A 178 -9.49 -0.33 8.95
C ASP A 178 -10.57 0.57 9.57
N GLY A 179 -10.32 1.01 10.80
CA GLY A 179 -11.23 1.94 11.46
C GLY A 179 -11.34 3.28 10.76
N PHE A 180 -10.27 3.70 10.10
CA PHE A 180 -10.30 4.93 9.33
C PHE A 180 -11.50 4.96 8.37
N PHE A 181 -11.87 3.80 7.82
CA PHE A 181 -12.93 3.72 6.81
C PHE A 181 -14.33 3.51 7.40
N GLN A 182 -14.40 3.39 8.72
CA GLN A 182 -15.66 3.49 9.44
C GLN A 182 -15.88 4.87 10.03
N LEU A 183 -14.90 5.75 9.92
CA LEU A 183 -15.07 7.09 10.47
C LEU A 183 -16.27 7.78 9.80
N GLU A 184 -17.19 8.25 10.62
CA GLU A 184 -18.43 8.86 10.15
C GLU A 184 -18.34 10.38 10.13
N GLU A 185 -17.40 10.93 10.91
CA GLU A 185 -17.13 12.36 10.89
C GLU A 185 -15.64 12.65 10.83
N LEU A 186 -15.29 13.87 10.42
CA LEU A 186 -13.91 14.31 10.36
C LEU A 186 -13.38 14.54 11.77
N PRO A 187 -12.38 13.74 12.19
CA PRO A 187 -11.76 13.99 13.50
C PRO A 187 -11.23 15.42 13.58
N GLY A 188 -11.54 16.12 14.67
CA GLY A 188 -11.06 17.48 14.82
C GLY A 188 -9.55 17.52 14.94
N ARG A 189 -9.00 16.53 15.64
CA ARG A 189 -7.57 16.48 15.93
C ARG A 189 -7.06 15.04 15.86
N SER A 190 -6.15 14.78 14.91
CA SER A 190 -5.64 13.41 14.69
C SER A 190 -4.15 13.29 15.02
N VAL A 191 -3.80 12.15 15.61
CA VAL A 191 -2.41 11.76 15.75
C VAL A 191 -2.22 10.42 15.06
N ILE A 192 -1.41 10.41 14.01
CA ILE A 192 -1.08 9.19 13.29
C ILE A 192 0.28 8.71 13.78
N VAL A 193 0.38 7.44 14.16
CA VAL A 193 1.67 6.86 14.49
C VAL A 193 2.19 5.94 13.39
N GLY A 194 3.36 6.28 12.85
CA GLY A 194 4.09 5.41 11.96
C GLY A 194 4.71 6.21 10.83
N ALA A 195 5.57 5.58 10.05
CA ALA A 195 6.42 6.34 9.14
C ALA A 195 6.44 5.74 7.74
N GLY A 196 5.58 4.73 7.51
CA GLY A 196 5.51 4.08 6.22
C GLY A 196 4.48 4.71 5.33
N TYR A 197 4.24 4.13 4.16
CA TYR A 197 3.43 4.79 3.16
C TYR A 197 1.98 4.97 3.62
N ILE A 198 1.47 4.00 4.39
CA ILE A 198 0.09 4.10 4.88
C ILE A 198 -0.06 5.28 5.84
N ALA A 199 0.89 5.46 6.75
CA ALA A 199 0.87 6.57 7.71
C ALA A 199 0.90 7.92 7.01
N VAL A 200 1.82 8.07 6.07
CA VAL A 200 1.97 9.27 5.26
C VAL A 200 0.68 9.61 4.50
N GLU A 201 0.08 8.62 3.84
CA GLU A 201 -1.15 8.79 3.09
C GLU A 201 -2.31 9.24 3.97
N MET A 202 -2.46 8.61 5.13
CA MET A 202 -3.52 8.94 6.07
C MET A 202 -3.35 10.36 6.61
N ALA A 203 -2.13 10.72 6.98
CA ALA A 203 -1.85 12.06 7.48
C ALA A 203 -2.18 13.10 6.42
N GLY A 204 -1.88 12.80 5.16
CA GLY A 204 -2.08 13.77 4.10
C GLY A 204 -3.55 14.00 3.77
N ILE A 205 -4.32 12.92 3.74
CA ILE A 205 -5.77 12.99 3.55
C ILE A 205 -6.43 13.78 4.67
N LEU A 206 -6.12 13.40 5.92
CA LEU A 206 -6.75 14.01 7.09
C LEU A 206 -6.42 15.50 7.26
N SER A 207 -5.17 15.87 7.06
CA SER A 207 -4.78 17.27 7.11
C SER A 207 -5.38 18.11 5.99
N ALA A 208 -5.39 17.58 4.77
CA ALA A 208 -5.95 18.30 3.62
C ALA A 208 -7.40 18.67 3.90
N LEU A 209 -8.15 17.75 4.51
CA LEU A 209 -9.58 17.94 4.73
C LEU A 209 -9.88 18.75 6.00
N GLY A 210 -8.87 18.97 6.83
CA GLY A 210 -8.96 20.02 7.82
C GLY A 210 -8.82 19.55 9.26
N SER A 211 -8.42 18.30 9.46
CA SER A 211 -8.06 17.82 10.79
C SER A 211 -6.72 18.41 11.21
N LYS A 212 -6.63 18.86 12.45
CA LYS A 212 -5.34 19.19 13.00
C LYS A 212 -4.51 17.93 13.22
N THR A 213 -3.54 17.71 12.35
CA THR A 213 -2.84 16.44 12.26
C THR A 213 -1.39 16.51 12.77
N SER A 214 -1.01 15.54 13.60
CA SER A 214 0.40 15.23 13.83
C SER A 214 0.72 13.84 13.34
N LEU A 215 1.95 13.66 12.86
CA LEU A 215 2.45 12.35 12.48
C LEU A 215 3.64 12.05 13.38
N MET A 216 3.59 10.92 14.08
CA MET A 216 4.58 10.60 15.08
C MET A 216 5.52 9.53 14.55
N ILE A 217 6.78 9.86 14.41
CA ILE A 217 7.74 8.96 13.80
C ILE A 217 8.94 8.74 14.72
N ARG A 218 9.56 7.57 14.63
CA ARG A 218 10.58 7.16 15.57
C ARG A 218 11.93 7.80 15.28
N HIS A 219 12.12 8.23 14.05
CA HIS A 219 13.38 8.87 13.64
C HIS A 219 13.07 10.25 13.08
N ASP A 220 13.87 10.70 12.11
CA ASP A 220 13.83 12.09 11.71
C ASP A 220 13.10 12.32 10.39
N LYS A 221 12.92 11.23 9.61
CA LYS A 221 12.30 11.30 8.28
C LYS A 221 11.29 10.16 8.09
N VAL A 222 10.31 10.37 7.21
CA VAL A 222 9.37 9.31 6.80
C VAL A 222 9.91 8.51 5.62
N LEU A 223 9.32 7.34 5.39
CA LEU A 223 9.60 6.52 4.19
C LEU A 223 11.10 6.23 4.05
N ARG A 224 11.65 5.62 5.09
CA ARG A 224 13.09 5.60 5.26
C ARG A 224 13.68 4.46 4.44
N SER A 225 12.81 3.59 3.93
CA SER A 225 13.22 2.54 3.01
C SER A 225 13.29 3.00 1.54
N PHE A 226 12.80 4.21 1.29
CA PHE A 226 12.82 4.82 -0.04
C PHE A 226 14.11 5.58 -0.26
N ASP A 227 14.35 5.97 -1.52
CA ASP A 227 15.55 6.72 -1.84
C ASP A 227 15.58 7.97 -0.99
N SER A 228 16.75 8.36 -0.55
CA SER A 228 16.87 9.37 0.51
C SER A 228 16.40 10.75 0.05
N MET A 229 16.45 11.01 -1.25
CA MET A 229 15.83 12.20 -1.84
C MET A 229 14.33 12.27 -1.55
N ILE A 230 13.65 11.14 -1.77
CA ILE A 230 12.22 11.03 -1.53
C ILE A 230 11.92 11.12 -0.04
N SER A 231 12.62 10.33 0.76
CA SER A 231 12.49 10.40 2.21
C SER A 231 12.55 11.84 2.71
N THR A 232 13.56 12.57 2.26
CA THR A 232 13.81 13.92 2.72
C THR A 232 12.74 14.88 2.20
N ASN A 233 12.50 14.83 0.89
CA ASN A 233 11.57 15.77 0.28
C ASN A 233 10.13 15.58 0.78
N CYS A 234 9.76 14.34 1.06
CA CYS A 234 8.42 14.03 1.52
C CYS A 234 8.21 14.52 2.95
N THR A 235 9.23 14.39 3.79
CA THR A 235 9.18 14.89 5.16
C THR A 235 9.00 16.41 5.16
N GLU A 236 9.69 17.08 4.25
CA GLU A 236 9.53 18.52 4.04
C GLU A 236 8.16 18.94 3.55
N GLU A 237 7.63 18.22 2.56
CA GLU A 237 6.34 18.58 1.97
C GLU A 237 5.17 18.32 2.92
N LEU A 238 5.33 17.37 3.83
CA LEU A 238 4.36 17.14 4.89
C LEU A 238 4.30 18.31 5.87
N GLU A 239 5.48 18.74 6.31
CA GLU A 239 5.61 19.97 7.10
C GLU A 239 5.02 21.19 6.40
N ASN A 240 5.31 21.33 5.12
CA ASN A 240 4.82 22.47 4.34
C ASN A 240 3.30 22.48 4.17
N ALA A 241 2.71 21.29 4.09
CA ALA A 241 1.26 21.18 3.94
C ALA A 241 0.57 21.31 5.28
N GLY A 242 1.35 21.46 6.34
CA GLY A 242 0.81 21.77 7.65
C GLY A 242 0.58 20.55 8.53
N VAL A 243 1.15 19.41 8.14
CA VAL A 243 1.26 18.26 9.04
C VAL A 243 2.39 18.47 10.05
N GLU A 244 2.05 18.35 11.33
CA GLU A 244 3.06 18.45 12.37
C GLU A 244 3.80 17.12 12.48
N VAL A 245 5.06 17.10 12.03
CA VAL A 245 5.87 15.90 12.15
C VAL A 245 6.63 15.88 13.47
N LEU A 246 6.26 14.94 14.34
CA LEU A 246 6.86 14.79 15.65
C LEU A 246 7.99 13.79 15.51
N LYS A 247 9.21 14.30 15.40
CA LYS A 247 10.38 13.46 15.17
C LYS A 247 10.95 12.82 16.44
N PHE A 248 11.48 11.61 16.31
CA PHE A 248 12.09 10.90 17.43
C PHE A 248 11.18 10.63 18.63
N SER A 249 9.92 10.28 18.33
CA SER A 249 8.86 10.25 19.34
C SER A 249 8.11 8.93 19.34
N GLN A 250 7.57 8.58 20.49
CA GLN A 250 6.97 7.27 20.71
C GLN A 250 5.88 7.41 21.76
N VAL A 251 4.76 6.72 21.54
CA VAL A 251 3.66 6.75 22.48
C VAL A 251 4.01 5.89 23.69
N LYS A 252 3.75 6.42 24.88
CA LYS A 252 4.02 5.69 26.10
C LYS A 252 2.73 5.25 26.76
N GLU A 253 1.69 6.06 26.61
CA GLU A 253 0.34 5.58 26.85
C GLU A 253 -0.77 6.53 26.44
N VAL A 254 -1.99 6.00 26.43
CA VAL A 254 -3.15 6.73 25.94
C VAL A 254 -4.23 6.62 27.01
N LYS A 255 -4.86 7.75 27.34
CA LYS A 255 -5.94 7.79 28.33
C LYS A 255 -7.19 8.41 27.73
N LYS A 256 -8.35 7.90 28.13
CA LYS A 256 -9.62 8.56 27.85
C LYS A 256 -9.74 9.75 28.79
N THR A 257 -10.14 10.90 28.26
CA THR A 257 -10.53 12.02 29.09
C THR A 257 -11.94 12.48 28.71
N LEU A 258 -12.35 13.63 29.26
CA LEU A 258 -13.66 14.18 28.97
C LEU A 258 -13.72 14.78 27.57
N SER A 259 -12.57 15.26 27.09
CA SER A 259 -12.53 16.01 25.83
C SER A 259 -11.79 15.22 24.75
N GLY A 260 -11.71 13.90 24.93
CA GLY A 260 -11.11 13.04 23.92
C GLY A 260 -10.05 12.14 24.50
N LEU A 261 -9.05 11.81 23.70
CA LEU A 261 -7.91 11.04 24.19
C LEU A 261 -6.83 12.00 24.63
N GLU A 262 -5.99 11.55 25.57
CA GLU A 262 -4.72 12.22 25.82
C GLU A 262 -3.53 11.28 25.64
N VAL A 263 -2.56 11.71 24.83
CA VAL A 263 -1.47 10.85 24.38
C VAL A 263 -0.18 11.29 25.08
N SER A 264 0.44 10.37 25.81
CA SER A 264 1.78 10.59 26.36
C SER A 264 2.81 10.14 25.35
N MET A 265 3.70 11.05 24.95
CA MET A 265 4.90 10.63 24.22
C MET A 265 6.21 11.00 24.90
N VAL A 266 7.22 10.13 24.75
CA VAL A 266 8.62 10.54 24.83
C VAL A 266 9.13 11.07 23.49
N THR A 267 9.76 12.23 23.50
CA THR A 267 10.69 12.63 22.45
C THR A 267 12.14 12.52 22.89
N ALA A 268 12.93 11.76 22.12
CA ALA A 268 14.32 11.51 22.46
C ALA A 268 15.22 11.90 21.28
N VAL A 269 15.34 13.21 21.05
CA VAL A 269 16.28 13.69 20.05
C VAL A 269 17.73 13.47 20.49
N PRO A 270 18.50 12.69 19.70
CA PRO A 270 19.95 12.73 19.53
C PRO A 270 20.68 13.89 20.22
N GLY A 271 21.41 13.55 21.28
CA GLY A 271 22.30 14.51 21.93
C GLY A 271 21.56 15.59 22.68
N ARG A 272 20.32 15.28 23.05
CA ARG A 272 19.54 16.12 23.96
C ARG A 272 18.89 15.22 24.99
N LEU A 273 18.27 15.84 25.98
CA LEU A 273 17.65 15.08 27.05
C LEU A 273 16.28 14.64 26.59
N PRO A 274 15.91 13.38 26.89
CA PRO A 274 14.55 12.85 26.64
C PRO A 274 13.50 13.70 27.33
N VAL A 275 12.45 14.06 26.60
CA VAL A 275 11.38 14.85 27.18
C VAL A 275 10.01 14.20 26.97
N MET A 276 9.23 14.16 28.04
CA MET A 276 7.90 13.58 28.02
C MET A 276 6.94 14.74 27.85
N THR A 277 6.06 14.66 26.86
CA THR A 277 4.96 15.61 26.76
C THR A 277 3.63 14.91 26.55
N MET A 278 2.55 15.66 26.69
CA MET A 278 1.20 15.14 26.58
C MET A 278 0.46 15.88 25.48
N ILE A 279 -0.12 15.12 24.56
CA ILE A 279 -1.04 15.66 23.58
C ILE A 279 -2.48 15.44 24.03
N PRO A 280 -3.17 16.52 24.43
CA PRO A 280 -4.56 16.50 24.89
C PRO A 280 -5.54 16.61 23.72
N ASP A 281 -6.80 16.25 23.96
CA ASP A 281 -7.91 16.71 23.11
C ASP A 281 -7.90 16.00 21.76
N VAL A 282 -7.50 14.73 21.74
CA VAL A 282 -7.24 14.03 20.48
C VAL A 282 -8.44 13.17 20.14
N ASP A 283 -9.07 13.46 19.00
CA ASP A 283 -10.27 12.72 18.61
C ASP A 283 -9.94 11.41 17.92
N CYS A 284 -8.80 11.36 17.25
CA CYS A 284 -8.45 10.17 16.50
C CYS A 284 -6.96 9.85 16.65
N LEU A 285 -6.67 8.75 17.33
CA LEU A 285 -5.33 8.19 17.32
C LEU A 285 -5.28 6.97 16.43
N LEU A 286 -4.42 7.01 15.43
CA LEU A 286 -4.41 6.04 14.34
C LEU A 286 -3.07 5.32 14.31
N TRP A 287 -3.06 4.02 14.61
CA TRP A 287 -1.86 3.21 14.49
C TRP A 287 -1.59 2.76 13.05
N ALA A 288 -0.48 3.20 12.48
CA ALA A 288 -0.04 2.70 11.19
C ALA A 288 1.42 2.26 11.25
N ILE A 289 1.65 1.15 11.95
CA ILE A 289 2.98 0.72 12.33
C ILE A 289 3.37 -0.60 11.66
N GLY A 290 2.46 -1.18 10.88
CA GLY A 290 2.80 -2.31 10.04
C GLY A 290 1.61 -3.24 9.89
N ARG A 291 1.73 -4.22 9.02
CA ARG A 291 0.70 -5.24 8.84
C ARG A 291 1.21 -6.63 9.21
N VAL A 292 0.31 -7.45 9.75
CA VAL A 292 0.64 -8.84 10.05
C VAL A 292 -0.19 -9.78 9.17
N PRO A 293 0.36 -10.94 8.82
CA PRO A 293 -0.36 -11.85 7.92
C PRO A 293 -1.52 -12.56 8.61
N ASN A 294 -2.52 -12.98 7.84
CA ASN A 294 -3.68 -13.67 8.36
C ASN A 294 -3.45 -15.19 8.31
N THR A 295 -2.73 -15.72 9.30
CA THR A 295 -2.42 -17.14 9.32
C THR A 295 -2.72 -17.81 10.67
N LYS A 296 -3.04 -17.01 11.68
CA LYS A 296 -3.12 -17.48 13.07
C LYS A 296 -4.25 -18.51 13.20
N ASP A 297 -5.25 -18.40 12.32
CA ASP A 297 -6.51 -19.11 12.50
C ASP A 297 -6.70 -20.20 11.45
N LEU A 298 -5.65 -20.46 10.67
CA LEU A 298 -5.75 -21.35 9.52
C LEU A 298 -5.41 -22.81 9.87
N SER A 299 -5.03 -23.06 11.12
CA SER A 299 -4.50 -24.36 11.56
C SER A 299 -3.40 -24.88 10.63
N LEU A 300 -2.40 -24.06 10.39
CA LEU A 300 -1.33 -24.42 9.47
C LEU A 300 -0.50 -25.54 10.06
N ASN A 301 -0.45 -25.60 11.39
CA ASN A 301 0.47 -26.51 12.06
C ASN A 301 -0.05 -27.94 11.95
N LYS A 302 -1.35 -28.06 11.69
CA LYS A 302 -1.96 -29.33 11.35
C LYS A 302 -1.33 -30.02 10.13
N LEU A 303 -0.74 -29.24 9.23
CA LEU A 303 -0.12 -29.81 8.03
C LEU A 303 1.39 -29.55 7.95
N GLY A 304 1.93 -28.87 8.95
CA GLY A 304 3.34 -28.51 8.95
C GLY A 304 3.71 -27.57 7.82
N ILE A 305 2.88 -26.56 7.59
CA ILE A 305 3.20 -25.55 6.59
C ILE A 305 4.13 -24.54 7.23
N GLN A 306 5.19 -24.19 6.51
CA GLN A 306 6.30 -23.41 7.05
C GLN A 306 5.92 -21.93 7.11
N THR A 307 6.12 -21.32 8.28
CA THR A 307 6.07 -19.86 8.42
C THR A 307 7.42 -19.31 8.89
N ASP A 308 7.58 -17.99 8.86
CA ASP A 308 8.62 -17.34 9.63
C ASP A 308 8.12 -16.92 11.01
N ASP A 309 8.92 -16.13 11.72
CA ASP A 309 8.61 -15.83 13.11
C ASP A 309 7.42 -14.87 13.22
N LYS A 310 7.05 -14.23 12.12
CA LYS A 310 5.91 -13.33 12.10
C LYS A 310 4.69 -13.93 11.40
N GLY A 311 4.84 -15.17 10.91
CA GLY A 311 3.70 -15.94 10.43
C GLY A 311 3.37 -15.78 8.96
N HIS A 312 4.25 -15.10 8.23
CA HIS A 312 4.27 -15.18 6.77
C HIS A 312 4.43 -16.62 6.34
N ILE A 313 3.75 -17.00 5.27
CA ILE A 313 3.95 -18.32 4.67
C ILE A 313 5.15 -18.32 3.73
N ILE A 314 6.01 -19.32 3.89
CA ILE A 314 7.25 -19.42 3.12
C ILE A 314 6.95 -20.08 1.78
N VAL A 315 7.34 -19.43 0.70
CA VAL A 315 7.17 -19.98 -0.63
C VAL A 315 8.45 -19.92 -1.41
N ASP A 316 8.56 -20.72 -2.47
CA ASP A 316 9.63 -20.52 -3.45
C ASP A 316 9.22 -19.56 -4.54
N GLU A 317 10.01 -19.50 -5.60
CA GLU A 317 9.80 -18.47 -6.61
C GLU A 317 8.59 -18.81 -7.45
N PHE A 318 8.01 -19.99 -7.19
CA PHE A 318 6.84 -20.47 -7.92
C PHE A 318 5.59 -20.45 -7.07
N GLN A 319 5.70 -19.87 -5.86
CA GLN A 319 4.60 -19.81 -4.89
C GLN A 319 4.22 -21.16 -4.27
N ASN A 320 5.14 -22.13 -4.28
CA ASN A 320 4.95 -23.38 -3.55
C ASN A 320 5.26 -23.16 -2.09
N THR A 321 4.38 -23.64 -1.21
CA THR A 321 4.77 -23.98 0.15
C THR A 321 5.70 -25.20 0.20
N ASN A 322 6.08 -25.61 1.41
CA ASN A 322 6.82 -26.86 1.62
C ASN A 322 5.92 -28.10 1.45
N VAL A 323 4.61 -27.90 1.38
CA VAL A 323 3.67 -28.99 1.24
C VAL A 323 3.12 -29.05 -0.18
N LYS A 324 3.24 -30.22 -0.81
CA LYS A 324 2.92 -30.37 -2.23
C LYS A 324 1.42 -30.18 -2.47
N GLY A 325 1.09 -29.38 -3.49
CA GLY A 325 -0.32 -29.10 -3.79
C GLY A 325 -0.92 -27.95 -2.99
N ILE A 326 -0.10 -27.31 -2.16
CA ILE A 326 -0.52 -26.11 -1.44
C ILE A 326 0.39 -24.92 -1.78
N TYR A 327 -0.23 -23.77 -2.05
CA TYR A 327 0.44 -22.60 -2.58
C TYR A 327 0.07 -21.37 -1.77
N ALA A 328 0.81 -20.29 -1.95
CA ALA A 328 0.46 -19.01 -1.35
C ALA A 328 0.89 -17.85 -2.23
N VAL A 329 0.01 -16.86 -2.39
CA VAL A 329 0.34 -15.61 -3.05
C VAL A 329 -0.06 -14.43 -2.19
N GLY A 330 0.58 -13.30 -2.43
CA GLY A 330 0.06 -12.03 -1.95
C GLY A 330 0.59 -11.66 -0.57
N ASP A 331 -0.19 -10.87 0.14
CA ASP A 331 0.27 -10.24 1.38
C ASP A 331 0.71 -11.26 2.42
N VAL A 332 0.08 -12.44 2.40
CA VAL A 332 0.31 -13.47 3.40
C VAL A 332 1.75 -14.00 3.36
N CYS A 333 2.43 -13.77 2.24
CA CYS A 333 3.83 -14.13 2.09
C CYS A 333 4.82 -13.01 2.41
N GLY A 334 4.32 -11.78 2.47
CA GLY A 334 5.04 -10.71 3.15
C GLY A 334 6.06 -10.04 2.26
N LYS A 335 5.96 -10.27 0.95
CA LYS A 335 6.90 -9.69 -0.02
C LYS A 335 6.13 -8.83 -1.03
N ALA A 336 6.54 -7.58 -1.16
CA ALA A 336 5.91 -6.67 -2.12
C ALA A 336 4.40 -6.62 -1.92
N LEU A 337 3.96 -5.83 -0.93
CA LEU A 337 2.61 -5.91 -0.41
C LEU A 337 1.75 -4.94 -1.24
N LEU A 338 1.43 -5.35 -2.46
CA LEU A 338 0.72 -4.50 -3.42
C LEU A 338 -0.31 -5.34 -4.16
N THR A 339 -1.41 -4.71 -4.56
CA THR A 339 -2.50 -5.40 -5.25
C THR A 339 -2.07 -6.03 -6.57
N PRO A 340 -1.35 -5.27 -7.41
CA PRO A 340 -1.02 -5.83 -8.73
C PRO A 340 0.00 -6.97 -8.65
N VAL A 341 0.79 -6.99 -7.59
CA VAL A 341 1.69 -8.10 -7.34
C VAL A 341 0.92 -9.36 -6.98
N ALA A 342 0.01 -9.25 -6.02
CA ALA A 342 -0.93 -10.32 -5.68
C ALA A 342 -1.66 -10.90 -6.90
N ILE A 343 -2.13 -10.00 -7.77
CA ILE A 343 -2.85 -10.39 -8.99
C ILE A 343 -1.94 -11.14 -9.97
N ALA A 344 -0.82 -10.54 -10.35
CA ALA A 344 0.10 -11.16 -11.30
C ALA A 344 0.63 -12.52 -10.85
N ALA A 345 0.97 -12.64 -9.56
CA ALA A 345 1.42 -13.91 -8.99
C ALA A 345 0.30 -14.97 -9.01
N GLY A 346 -0.93 -14.54 -8.72
CA GLY A 346 -2.06 -15.44 -8.75
C GLY A 346 -2.36 -15.95 -10.16
N ARG A 347 -2.24 -15.05 -11.13
CA ARG A 347 -2.48 -15.39 -12.52
C ARG A 347 -1.37 -16.27 -13.11
N LYS A 348 -0.13 -15.93 -12.81
CA LYS A 348 1.01 -16.74 -13.26
C LYS A 348 0.88 -18.18 -12.78
N LEU A 349 0.58 -18.34 -11.48
CA LEU A 349 0.37 -19.64 -10.86
C LEU A 349 -0.75 -20.46 -11.50
N ALA A 350 -1.87 -19.82 -11.83
CA ALA A 350 -2.97 -20.52 -12.48
C ALA A 350 -2.56 -21.00 -13.88
N HIS A 351 -1.70 -20.24 -14.55
CA HIS A 351 -1.11 -20.69 -15.80
C HIS A 351 -0.20 -21.91 -15.60
N ARG A 352 0.60 -21.91 -14.54
CA ARG A 352 1.45 -23.06 -14.23
C ARG A 352 0.64 -24.33 -13.97
N LEU A 353 -0.40 -24.24 -13.15
CA LEU A 353 -1.11 -25.44 -12.70
C LEU A 353 -2.08 -26.03 -13.74
N PHE A 354 -2.71 -25.18 -14.54
CA PHE A 354 -3.82 -25.63 -15.38
C PHE A 354 -3.57 -25.43 -16.87
N GLU A 355 -2.53 -24.68 -17.20
CA GLU A 355 -1.98 -24.66 -18.55
C GLU A 355 -0.64 -25.39 -18.63
N TYR A 356 -0.20 -25.93 -17.50
CA TYR A 356 1.05 -26.69 -17.42
C TYR A 356 2.25 -25.93 -17.98
N LYS A 357 2.14 -24.60 -18.05
CA LYS A 357 3.29 -23.74 -18.29
C LYS A 357 4.23 -23.74 -17.09
N GLU A 358 5.25 -24.61 -17.13
CA GLU A 358 6.05 -24.93 -15.94
C GLU A 358 7.02 -23.81 -15.51
N ASP A 359 7.30 -22.90 -16.44
CA ASP A 359 8.18 -21.75 -16.20
C ASP A 359 7.38 -20.46 -15.98
N SER A 360 6.11 -20.61 -15.63
CA SER A 360 5.23 -19.47 -15.31
C SER A 360 5.45 -19.01 -13.87
N LYS A 361 6.01 -17.83 -13.73
CA LYS A 361 6.31 -17.24 -12.42
C LYS A 361 6.39 -15.69 -12.52
N LEU A 362 6.16 -15.01 -11.39
CA LEU A 362 6.34 -13.56 -11.35
C LEU A 362 7.80 -13.18 -11.03
N ASP A 363 8.37 -12.36 -11.89
CA ASP A 363 9.55 -11.56 -11.60
C ASP A 363 9.26 -10.42 -10.62
N TYR A 364 9.92 -10.45 -9.48
CA TYR A 364 9.67 -9.49 -8.41
C TYR A 364 10.63 -8.30 -8.50
N ASN A 365 11.28 -8.15 -9.65
CA ASN A 365 12.21 -7.04 -9.85
C ASN A 365 11.55 -5.90 -10.61
N ASN A 366 11.96 -4.68 -10.26
CA ASN A 366 11.49 -3.47 -10.94
C ASN A 366 9.98 -3.37 -10.90
N ILE A 367 9.41 -3.72 -9.74
CA ILE A 367 7.99 -3.50 -9.48
C ILE A 367 7.79 -2.06 -9.07
N PRO A 368 6.96 -1.30 -9.80
CA PRO A 368 6.78 0.12 -9.51
C PRO A 368 5.78 0.37 -8.38
N THR A 369 5.99 1.44 -7.62
CA THR A 369 5.05 1.85 -6.59
C THR A 369 4.69 3.33 -6.70
N VAL A 370 3.41 3.65 -6.52
CA VAL A 370 3.00 5.02 -6.25
C VAL A 370 2.51 5.17 -4.81
N VAL A 371 3.06 6.15 -4.10
CA VAL A 371 2.52 6.57 -2.82
C VAL A 371 1.71 7.84 -3.01
N PHE A 372 0.47 7.81 -2.54
CA PHE A 372 -0.47 8.88 -2.79
C PHE A 372 -0.39 9.88 -1.65
N SER A 373 0.77 10.51 -1.53
CA SER A 373 0.93 11.73 -0.74
C SER A 373 0.56 12.98 -1.55
N HIS A 374 0.85 14.14 -0.97
CA HIS A 374 0.65 15.39 -1.68
C HIS A 374 1.98 16.11 -1.71
N PRO A 375 2.56 16.28 -2.91
CA PRO A 375 2.18 15.57 -4.13
C PRO A 375 2.62 14.10 -4.12
N PRO A 376 2.12 13.30 -5.08
CA PRO A 376 2.39 11.86 -5.06
C PRO A 376 3.83 11.48 -5.43
N ILE A 377 4.23 10.30 -4.98
CA ILE A 377 5.57 9.76 -5.15
C ILE A 377 5.47 8.63 -6.17
N GLY A 378 6.36 8.66 -7.16
CA GLY A 378 6.55 7.50 -8.00
C GLY A 378 7.95 6.96 -7.85
N THR A 379 8.07 5.66 -7.69
CA THR A 379 9.37 5.02 -7.57
C THR A 379 9.40 3.67 -8.27
N VAL A 380 10.49 3.39 -8.97
CA VAL A 380 10.73 2.05 -9.49
C VAL A 380 12.22 1.75 -9.52
N GLY A 381 12.58 0.50 -9.21
CA GLY A 381 13.98 0.09 -9.27
C GLY A 381 14.74 0.41 -7.99
N LEU A 382 16.03 0.67 -8.14
CA LEU A 382 16.94 0.70 -7.00
C LEU A 382 17.14 2.15 -6.53
N THR A 383 17.19 2.32 -5.22
CA THR A 383 17.68 3.55 -4.61
C THR A 383 19.16 3.74 -4.92
N GLU A 384 19.62 4.98 -4.77
CA GLU A 384 21.00 5.31 -5.03
C GLU A 384 21.89 4.50 -4.10
N ASP A 385 21.45 4.33 -2.87
CA ASP A 385 22.04 3.37 -1.95
C ASP A 385 22.13 1.93 -2.44
N GLU A 386 21.00 1.33 -2.79
CA GLU A 386 21.01 -0.06 -3.25
C GLU A 386 21.92 -0.22 -4.48
N ALA A 387 21.89 0.78 -5.36
CA ALA A 387 22.68 0.72 -6.58
C ALA A 387 24.16 0.73 -6.25
N ILE A 388 24.57 1.57 -5.31
CA ILE A 388 25.96 1.66 -4.90
C ILE A 388 26.41 0.34 -4.28
N HIS A 389 25.56 -0.29 -3.46
CA HIS A 389 25.95 -1.54 -2.83
C HIS A 389 26.14 -2.66 -3.85
N LYS A 390 25.52 -2.50 -5.01
CA LYS A 390 25.34 -3.59 -5.96
C LYS A 390 26.35 -3.44 -7.10
N TYR A 391 26.71 -2.20 -7.39
CA TYR A 391 27.52 -1.90 -8.57
C TYR A 391 28.85 -1.29 -8.16
N GLY A 392 28.97 -0.91 -6.89
CA GLY A 392 30.12 -0.13 -6.44
C GLY A 392 30.09 1.33 -6.86
N ILE A 393 30.72 2.18 -6.05
CA ILE A 393 30.40 3.60 -6.04
C ILE A 393 30.78 4.23 -7.37
N GLU A 394 31.78 3.65 -8.03
CA GLU A 394 32.36 4.28 -9.22
C GLU A 394 31.52 3.94 -10.44
N ASN A 395 30.69 2.91 -10.32
CA ASN A 395 29.85 2.50 -11.43
C ASN A 395 28.42 3.00 -11.32
N VAL A 396 28.19 3.93 -10.40
CA VAL A 396 26.86 4.53 -10.19
C VAL A 396 26.89 6.03 -10.48
N LYS A 397 25.98 6.47 -11.34
CA LYS A 397 25.86 7.89 -11.67
C LYS A 397 24.42 8.27 -11.44
N THR A 398 24.19 9.33 -10.67
CA THR A 398 22.84 9.87 -10.58
C THR A 398 22.68 11.21 -11.28
N TYR A 399 21.50 11.42 -11.82
CA TYR A 399 21.08 12.70 -12.38
C TYR A 399 19.81 13.08 -11.64
N SER A 400 19.67 14.36 -11.32
CA SER A 400 18.50 14.78 -10.56
C SER A 400 18.13 16.20 -10.88
N THR A 401 16.94 16.58 -10.46
CA THR A 401 16.42 17.89 -10.76
C THR A 401 15.34 18.25 -9.76
N SER A 402 15.06 19.54 -9.69
CA SER A 402 14.13 20.06 -8.74
C SER A 402 13.62 21.32 -9.36
N PHE A 403 12.30 21.45 -9.46
CA PHE A 403 11.69 22.63 -10.05
C PHE A 403 10.28 22.81 -9.51
N THR A 404 9.73 23.99 -9.70
CA THR A 404 8.35 24.25 -9.36
C THR A 404 7.49 24.12 -10.62
N PRO A 405 6.54 23.16 -10.64
CA PRO A 405 5.65 22.96 -11.78
C PRO A 405 4.97 24.27 -12.21
N MET A 406 4.75 24.40 -13.51
CA MET A 406 4.14 25.60 -14.08
C MET A 406 2.73 25.84 -13.55
N TYR A 407 2.07 24.78 -13.09
CA TYR A 407 0.82 24.92 -12.35
C TYR A 407 0.95 26.03 -11.31
N HIS A 408 2.08 26.06 -10.64
CA HIS A 408 2.30 26.92 -9.47
C HIS A 408 2.91 28.28 -9.82
N ALA A 409 3.13 28.54 -11.11
CA ALA A 409 3.67 29.82 -11.58
C ALA A 409 2.78 30.98 -11.14
N VAL A 410 1.48 30.73 -11.07
CA VAL A 410 0.51 31.78 -10.72
C VAL A 410 -0.21 31.55 -9.39
N THR A 411 0.28 30.62 -8.58
CA THR A 411 -0.30 30.41 -7.24
C THR A 411 0.64 30.86 -6.11
N LYS A 412 0.06 31.15 -4.94
CA LYS A 412 0.83 31.50 -3.75
C LYS A 412 1.43 30.25 -3.13
N ARG A 413 0.59 29.22 -3.02
CA ARG A 413 1.00 27.89 -2.60
C ARG A 413 2.01 27.33 -3.59
N LYS A 414 3.03 26.65 -3.06
CA LYS A 414 4.05 26.03 -3.89
C LYS A 414 4.20 24.56 -3.49
N THR A 415 4.35 23.71 -4.49
CA THR A 415 5.03 22.44 -4.29
C THR A 415 6.19 22.30 -5.28
N LYS A 416 7.16 21.47 -4.89
CA LYS A 416 8.27 21.10 -5.75
C LYS A 416 7.89 19.89 -6.58
N CYS A 417 8.56 19.73 -7.70
CA CYS A 417 8.77 18.43 -8.29
C CYS A 417 10.26 18.09 -8.20
N VAL A 418 10.58 17.00 -7.51
CA VAL A 418 11.93 16.43 -7.59
C VAL A 418 11.95 15.11 -8.34
N MET A 419 12.92 14.98 -9.24
CA MET A 419 13.13 13.74 -9.97
C MET A 419 14.57 13.27 -9.84
N LYS A 420 14.75 11.95 -9.81
CA LYS A 420 16.09 11.37 -9.74
C LYS A 420 16.22 10.10 -10.58
N MET A 421 17.24 10.06 -11.42
CA MET A 421 17.57 8.89 -12.22
C MET A 421 18.87 8.30 -11.67
N VAL A 422 18.79 7.05 -11.23
CA VAL A 422 19.97 6.30 -10.84
C VAL A 422 20.48 5.43 -12.00
N CYS A 423 21.75 5.60 -12.36
CA CYS A 423 22.30 4.94 -13.55
C CYS A 423 23.46 4.03 -13.16
N ALA A 424 23.60 2.92 -13.88
CA ALA A 424 24.66 1.96 -13.60
C ALA A 424 25.56 1.76 -14.82
N ASN A 425 26.86 1.89 -14.56
CA ASN A 425 27.91 1.32 -15.40
C ASN A 425 28.15 2.22 -16.59
N LYS A 426 28.96 1.75 -17.52
CA LYS A 426 29.51 2.64 -18.53
C LYS A 426 28.36 3.08 -19.45
N GLU A 427 27.50 2.12 -19.82
CA GLU A 427 26.38 2.41 -20.70
C GLU A 427 25.26 3.20 -20.00
N GLU A 428 25.36 3.34 -18.68
CA GLU A 428 24.38 4.06 -17.87
C GLU A 428 23.01 3.46 -18.10
N LYS A 429 22.90 2.16 -17.84
CA LYS A 429 21.61 1.53 -17.63
C LYS A 429 20.83 2.28 -16.55
N VAL A 430 19.58 2.62 -16.84
CA VAL A 430 18.70 3.19 -15.84
C VAL A 430 18.21 2.07 -14.93
N VAL A 431 18.71 2.04 -13.69
CA VAL A 431 18.29 1.04 -12.72
C VAL A 431 17.36 1.59 -11.64
N GLY A 432 17.12 2.89 -11.66
CA GLY A 432 16.27 3.52 -10.66
C GLY A 432 15.68 4.82 -11.16
N ILE A 433 14.38 4.99 -10.94
CA ILE A 433 13.73 6.30 -11.04
C ILE A 433 12.93 6.60 -9.78
N HIS A 434 13.07 7.83 -9.29
CA HIS A 434 12.40 8.28 -8.08
C HIS A 434 11.94 9.72 -8.26
N MET A 435 10.66 9.96 -7.98
CA MET A 435 10.11 11.29 -8.12
C MET A 435 8.98 11.57 -7.13
N GLN A 436 8.81 12.84 -6.81
CA GLN A 436 7.60 13.32 -6.17
C GLN A 436 7.21 14.64 -6.83
N GLY A 437 5.95 14.74 -7.23
CA GLY A 437 5.48 15.95 -7.86
C GLY A 437 4.04 15.79 -8.31
N LEU A 438 3.42 16.89 -8.71
CA LEU A 438 2.14 16.85 -9.41
C LEU A 438 2.21 15.98 -10.66
N GLY A 439 1.32 14.99 -10.72
CA GLY A 439 1.15 14.21 -11.92
C GLY A 439 1.98 12.93 -11.92
N CYS A 440 2.82 12.77 -10.91
CA CYS A 440 3.80 11.69 -10.88
C CYS A 440 3.14 10.33 -10.69
N ASP A 441 1.89 10.33 -10.23
CA ASP A 441 1.08 9.12 -10.15
C ASP A 441 0.71 8.48 -11.49
N GLU A 442 0.40 9.29 -12.50
CA GLU A 442 0.17 8.79 -13.87
C GLU A 442 1.43 8.77 -14.75
N MET A 443 2.50 9.36 -14.25
CA MET A 443 3.77 9.44 -14.95
C MET A 443 4.52 8.10 -14.99
N LEU A 444 4.39 7.30 -13.94
CA LEU A 444 5.40 6.31 -13.65
C LEU A 444 5.29 5.08 -14.58
N GLN A 445 4.07 4.65 -14.88
CA GLN A 445 3.87 3.36 -15.55
C GLN A 445 4.70 3.21 -16.83
N GLY A 446 4.68 4.24 -17.68
CA GLY A 446 5.42 4.19 -18.91
C GLY A 446 6.91 4.05 -18.71
N PHE A 447 7.43 4.78 -17.71
CA PHE A 447 8.85 4.77 -17.43
C PHE A 447 9.29 3.42 -16.86
N ALA A 448 8.39 2.76 -16.15
CA ALA A 448 8.69 1.48 -15.54
C ALA A 448 8.71 0.37 -16.59
N VAL A 449 7.89 0.51 -17.63
CA VAL A 449 8.03 -0.28 -18.85
C VAL A 449 9.43 -0.20 -19.47
N ALA A 450 9.90 1.03 -19.70
CA ALA A 450 11.26 1.28 -20.16
C ALA A 450 12.33 0.66 -19.27
N VAL A 451 12.16 0.77 -17.96
CA VAL A 451 13.15 0.30 -17.02
C VAL A 451 13.21 -1.24 -17.01
N LYS A 452 12.06 -1.89 -17.18
CA LYS A 452 12.00 -3.35 -17.30
C LYS A 452 12.65 -3.87 -18.58
N MET A 453 12.73 -3.01 -19.58
CA MET A 453 13.43 -3.34 -20.83
C MET A 453 14.94 -3.17 -20.79
N GLY A 454 15.47 -2.73 -19.65
CA GLY A 454 16.86 -2.31 -19.56
C GLY A 454 17.22 -1.04 -20.32
N ALA A 455 16.36 -0.03 -20.25
CA ALA A 455 16.62 1.23 -20.93
C ALA A 455 17.86 1.90 -20.35
N THR A 456 18.63 2.55 -21.22
CA THR A 456 19.82 3.28 -20.78
C THR A 456 19.50 4.75 -20.91
N LYS A 457 20.32 5.61 -20.33
CA LYS A 457 20.00 7.03 -20.37
C LYS A 457 19.92 7.56 -21.78
N ALA A 458 20.73 6.98 -22.68
CA ALA A 458 20.66 7.32 -24.10
C ALA A 458 19.24 7.15 -24.67
N ASP A 459 18.62 6.02 -24.36
CA ASP A 459 17.25 5.77 -24.78
C ASP A 459 16.29 6.87 -24.32
N PHE A 460 16.51 7.36 -23.09
CA PHE A 460 15.70 8.46 -22.57
C PHE A 460 15.98 9.74 -23.33
N ASP A 461 17.26 10.01 -23.53
CA ASP A 461 17.70 11.28 -24.11
C ASP A 461 17.27 11.44 -25.56
N ASN A 462 17.04 10.31 -26.24
CA ASN A 462 16.68 10.33 -27.67
C ASN A 462 15.18 10.14 -27.90
N THR A 463 14.42 10.18 -26.82
CA THR A 463 12.99 10.41 -26.92
C THR A 463 12.68 11.91 -26.88
N VAL A 464 11.97 12.39 -27.90
CA VAL A 464 11.54 13.78 -27.96
C VAL A 464 10.60 14.13 -26.81
N ALA A 465 10.82 15.31 -26.25
CA ALA A 465 10.11 15.77 -25.05
C ALA A 465 8.67 16.18 -25.40
N ILE A 466 7.78 16.09 -24.41
CA ILE A 466 6.44 16.65 -24.53
C ILE A 466 6.35 17.92 -23.71
N HIS A 467 6.07 19.02 -24.40
CA HIS A 467 6.08 20.33 -23.79
C HIS A 467 4.66 20.90 -23.92
N PRO A 468 4.23 21.72 -22.94
CA PRO A 468 4.80 21.79 -21.59
C PRO A 468 4.19 20.76 -20.64
N THR A 469 5.03 19.85 -20.13
CA THR A 469 4.63 18.96 -19.05
C THR A 469 5.72 18.92 -17.98
N SER A 470 5.40 18.37 -16.81
CA SER A 470 6.42 17.93 -15.86
C SER A 470 7.25 16.76 -16.37
N SER A 471 6.60 15.85 -17.10
CA SER A 471 7.21 14.57 -17.42
C SER A 471 8.42 14.69 -18.36
N GLU A 472 8.43 15.75 -19.17
CA GLU A 472 9.51 15.99 -20.13
C GLU A 472 10.88 16.23 -19.48
N GLU A 473 10.90 16.56 -18.19
CA GLU A 473 12.15 16.76 -17.45
C GLU A 473 12.96 15.47 -17.30
N LEU A 474 12.30 14.32 -17.29
CA LEU A 474 13.00 13.04 -17.13
C LEU A 474 13.75 12.64 -18.39
N VAL A 475 13.42 13.28 -19.51
CA VAL A 475 14.11 13.01 -20.78
C VAL A 475 15.06 14.14 -21.18
N THR A 476 15.24 15.11 -20.30
CA THR A 476 16.12 16.25 -20.57
C THR A 476 17.14 16.53 -19.43
N LEU A 477 17.39 15.53 -18.58
CA LEU A 477 18.39 15.64 -17.52
C LEU A 477 19.81 15.71 -18.09
N ARG A 478 20.68 16.49 -17.42
CA ARG A 478 22.00 16.81 -17.96
C ARG A 478 23.09 16.54 -16.92
#